data_5TRN
#
_entry.id   5TRN
#
_entity_poly.entity_id   1
_entity_poly.type   'polydeoxyribonucleotide'
_entity_poly.pdbx_seq_one_letter_code
;(DC)(DG)(DC)(8OG)(DA)(DA)(DT)(DT)(5CM)(DG)(DC)(DG)
;
_entity_poly.pdbx_strand_id   A,B
#